data_6JAH
#
_entry.id   6JAH
#
_cell.length_a   84.230
_cell.length_b   84.230
_cell.length_c   145.890
_cell.angle_alpha   90.000
_cell.angle_beta   90.000
_cell.angle_gamma   90.000
#
_symmetry.space_group_name_H-M   'P 41 21 2'
#
loop_
_entity.id
_entity.type
_entity.pdbx_description
1 polymer 'ABC transporter, periplasmic substrate-binding protein'
2 non-polymer alpha-D-glucopyranose
3 non-polymer 'CITRIC ACID'
4 non-polymer 1,2-ETHANEDIOL
5 non-polymer DI(HYDROXYETHYL)ETHER
6 non-polymer propane-2,2-diol
7 non-polymer (2S)-heptane-1,2,7-triol
8 water water
#
_entity_poly.entity_id   1
_entity_poly.type   'polypeptide(L)'
_entity_poly.pdbx_seq_one_letter_code
;QSGPVIRVAGDSTAVGEGGRWMKEMVEAWGKKTGTRVEYIDSPADTNDRLALYQQYWAARSPDVDVYMIDVIWPGIVAPH
ALDLKPYLTEAELKEFFPRIVQNNTIRGKLTSLPFFTDAGILYYRKDLLEKYGYTSPPRTWNELEQMAERVMEGERRAGN
RDFWGFVFQGKPYEGLTCDALEWIYSHGGGRIVEPDGTISVNNGRAALALNRAHGWVGRIAPQGVTSYAEEEARNVWQQG
NSLFMRNWPYAYALGQAEGSPIRGKFGVTVLPKASADAPNAATLGGWQLMVSAYSRYPKEAVDLVKYLASYEVQKDNAVR
LSRLPTRPALYTDRDVLARNPWFRDLLPVFQNAVSRPSDVAGARYNQVSEAIWTEVHSVLTGRKKGEQAVRDLEARIRRI
LRHHHHHH
;
_entity_poly.pdbx_strand_id   A
#
# COMPACT_ATOMS: atom_id res chain seq x y z
N GLY A 3 -18.75 8.29 31.22
CA GLY A 3 -17.31 7.87 31.09
C GLY A 3 -16.76 8.43 29.80
N PRO A 4 -15.46 8.22 29.55
CA PRO A 4 -14.81 8.72 28.32
C PRO A 4 -15.50 8.18 27.05
N VAL A 5 -15.46 8.95 25.96
CA VAL A 5 -15.80 8.46 24.62
C VAL A 5 -14.48 8.38 23.87
N ILE A 6 -14.09 7.20 23.44
CA ILE A 6 -12.79 7.02 22.76
C ILE A 6 -13.12 7.04 21.26
N ARG A 7 -12.54 8.03 20.57
CA ARG A 7 -12.88 8.35 19.22
C ARG A 7 -11.71 7.96 18.28
N VAL A 8 -12.06 7.27 17.19
CA VAL A 8 -11.01 6.64 16.31
C VAL A 8 -11.20 7.17 14.90
N ALA A 9 -10.10 7.67 14.30
CA ALA A 9 -10.07 7.94 12.89
C ALA A 9 -9.13 6.92 12.26
N GLY A 10 -9.63 6.04 11.44
CA GLY A 10 -8.65 5.11 10.76
C GLY A 10 -9.34 4.29 9.68
N ASP A 11 -8.69 4.11 8.57
CA ASP A 11 -9.30 3.37 7.50
C ASP A 11 -10.45 4.18 6.89
N SER A 12 -10.98 3.68 5.81
CA SER A 12 -11.99 4.41 5.08
C SER A 12 -13.09 3.49 4.60
N THR A 13 -14.36 3.89 4.75
CA THR A 13 -15.42 3.10 4.16
C THR A 13 -15.45 3.17 2.64
N ALA A 14 -14.63 3.99 2.06
CA ALA A 14 -14.53 4.13 0.60
C ALA A 14 -13.52 3.16 -0.02
N VAL A 15 -12.84 2.32 0.76
CA VAL A 15 -11.94 1.33 0.20
C VAL A 15 -12.25 -0.04 0.76
N GLY A 16 -12.88 -0.87 -0.07
CA GLY A 16 -13.20 -2.21 0.36
C GLY A 16 -14.03 -2.26 1.58
N GLU A 17 -13.72 -3.21 2.44
CA GLU A 17 -14.43 -3.41 3.70
C GLU A 17 -13.67 -2.83 4.89
N GLY A 18 -12.57 -2.10 4.63
CA GLY A 18 -11.72 -1.66 5.73
C GLY A 18 -12.39 -0.78 6.76
N GLY A 19 -13.09 0.23 6.31
CA GLY A 19 -13.71 1.12 7.24
C GLY A 19 -14.86 0.46 8.01
N ARG A 20 -15.61 -0.41 7.34
CA ARG A 20 -16.70 -1.13 8.01
C ARG A 20 -16.14 -2.07 9.06
N TRP A 21 -15.13 -2.81 8.67
CA TRP A 21 -14.49 -3.74 9.62
C TRP A 21 -13.84 -3.01 10.79
N MET A 22 -13.14 -1.91 10.49
CA MET A 22 -12.48 -1.19 11.57
C MET A 22 -13.53 -0.70 12.62
N LYS A 23 -14.64 -0.16 12.14
CA LYS A 23 -15.66 0.30 13.03
C LYS A 23 -16.18 -0.85 13.87
N GLU A 24 -16.38 -1.99 13.22
CA GLU A 24 -16.81 -3.21 13.93
C GLU A 24 -15.85 -3.58 15.04
N MET A 25 -14.52 -3.55 14.75
CA MET A 25 -13.56 -3.94 15.77
C MET A 25 -13.54 -2.94 16.96
N VAL A 26 -13.64 -1.65 16.64
CA VAL A 26 -13.68 -0.60 17.67
C VAL A 26 -14.95 -0.78 18.54
N GLU A 27 -16.06 -1.04 17.91
CA GLU A 27 -17.32 -1.28 18.65
C GLU A 27 -17.20 -2.53 19.53
N ALA A 28 -16.55 -3.56 19.01
CA ALA A 28 -16.34 -4.75 19.82
C ALA A 28 -15.50 -4.50 21.05
N TRP A 29 -14.42 -3.71 20.93
CA TRP A 29 -13.63 -3.31 22.08
C TRP A 29 -14.51 -2.50 23.09
N GLY A 30 -15.31 -1.59 22.58
CA GLY A 30 -16.14 -0.75 23.45
C GLY A 30 -17.10 -1.62 24.23
N LYS A 31 -17.66 -2.60 23.58
CA LYS A 31 -18.62 -3.53 24.25
C LYS A 31 -17.92 -4.41 25.27
N LYS A 32 -16.74 -4.92 24.95
CA LYS A 32 -16.00 -5.81 25.84
C LYS A 32 -15.55 -5.11 27.09
N THR A 33 -15.19 -3.82 26.98
CA THR A 33 -14.59 -3.08 28.05
C THR A 33 -15.63 -2.17 28.73
N GLY A 34 -16.83 -2.05 28.18
CA GLY A 34 -17.81 -1.09 28.64
C GLY A 34 -17.41 0.36 28.48
N THR A 35 -16.80 0.69 27.32
CA THR A 35 -16.37 2.03 27.02
C THR A 35 -17.10 2.55 25.83
N ARG A 36 -17.64 3.77 25.89
CA ARG A 36 -18.26 4.41 24.74
C ARG A 36 -17.15 4.66 23.66
N VAL A 37 -17.54 4.46 22.42
CA VAL A 37 -16.61 4.72 21.29
C VAL A 37 -17.33 5.41 20.16
N GLU A 38 -16.58 6.08 19.30
CA GLU A 38 -17.11 6.66 18.09
C GLU A 38 -16.05 6.50 17.00
N TYR A 39 -16.55 6.27 15.79
CA TYR A 39 -15.70 6.00 14.59
C TYR A 39 -15.84 7.20 13.72
N ILE A 40 -14.73 7.82 13.33
CA ILE A 40 -14.72 8.94 12.37
C ILE A 40 -14.14 8.41 11.06
N ASP A 41 -14.94 8.52 9.99
CA ASP A 41 -14.54 8.04 8.68
C ASP A 41 -13.50 8.97 8.03
N SER A 42 -12.78 8.42 7.04
CA SER A 42 -11.71 9.14 6.34
C SER A 42 -11.88 9.01 4.85
N PRO A 43 -11.21 9.86 4.06
CA PRO A 43 -11.23 9.69 2.63
C PRO A 43 -10.42 8.52 2.19
N ALA A 44 -10.63 8.07 0.96
CA ALA A 44 -9.96 6.88 0.49
C ALA A 44 -8.45 6.98 0.49
N ASP A 45 -7.94 8.03 -0.13
CA ASP A 45 -6.48 8.09 -0.45
C ASP A 45 -5.67 8.57 0.75
N THR A 46 -4.54 7.87 0.95
CA THR A 46 -3.64 8.19 2.07
C THR A 46 -3.28 9.65 2.15
N ASN A 47 -2.90 10.28 1.04
CA ASN A 47 -2.50 11.68 1.10
C ASN A 47 -3.63 12.61 1.47
N ASP A 48 -4.89 12.20 1.14
CA ASP A 48 -6.02 13.00 1.58
C ASP A 48 -6.26 12.81 3.08
N ARG A 49 -6.06 11.60 3.58
CA ARG A 49 -6.17 11.35 5.01
C ARG A 49 -5.14 12.15 5.80
N LEU A 50 -3.91 12.22 5.30
CA LEU A 50 -2.86 12.96 5.98
C LEU A 50 -3.30 14.39 6.12
N ALA A 51 -3.81 14.98 5.07
CA ALA A 51 -4.21 16.40 5.18
C ALA A 51 -5.33 16.58 6.14
N LEU A 52 -6.29 15.66 6.16
CA LEU A 52 -7.39 15.74 7.11
C LEU A 52 -6.87 15.65 8.55
N TYR A 53 -6.06 14.63 8.83
CA TYR A 53 -5.58 14.47 10.20
C TYR A 53 -4.64 15.61 10.65
N GLN A 54 -3.89 16.18 9.71
CA GLN A 54 -3.07 17.33 10.05
CA GLN A 54 -3.05 17.37 9.97
C GLN A 54 -3.90 18.52 10.52
N GLN A 55 -5.14 18.60 10.10
CA GLN A 55 -6.03 19.66 10.64
C GLN A 55 -6.24 19.42 12.12
N TYR A 56 -6.54 18.19 12.54
CA TYR A 56 -6.78 17.90 13.92
C TYR A 56 -5.47 18.13 14.69
N TRP A 57 -4.35 17.69 14.15
CA TRP A 57 -3.08 17.87 14.88
C TRP A 57 -2.68 19.31 15.02
N ALA A 58 -2.86 20.10 13.96
CA ALA A 58 -2.54 21.53 14.08
C ALA A 58 -3.33 22.17 15.19
N ALA A 59 -4.58 21.79 15.35
CA ALA A 59 -5.47 22.31 16.40
C ALA A 59 -5.22 21.74 17.78
N ARG A 60 -4.27 20.80 17.90
CA ARG A 60 -4.10 20.01 19.15
C ARG A 60 -5.43 19.41 19.63
N SER A 61 -6.22 18.93 18.66
CA SER A 61 -7.58 18.58 18.95
C SER A 61 -7.69 17.32 19.78
N PRO A 62 -8.47 17.33 20.88
CA PRO A 62 -8.80 16.16 21.63
C PRO A 62 -9.93 15.31 21.03
N ASP A 63 -10.44 15.71 19.84
CA ASP A 63 -11.64 15.09 19.25
C ASP A 63 -11.38 13.74 18.56
N VAL A 64 -10.10 13.35 18.49
CA VAL A 64 -9.73 11.99 18.04
C VAL A 64 -8.67 11.48 18.97
N ASP A 65 -8.86 10.28 19.52
CA ASP A 65 -7.94 9.65 20.41
C ASP A 65 -6.91 8.70 19.75
N VAL A 66 -7.33 8.04 18.69
CA VAL A 66 -6.52 6.99 18.05
C VAL A 66 -6.62 7.26 16.57
N TYR A 67 -5.48 7.23 15.88
CA TYR A 67 -5.46 7.38 14.40
C TYR A 67 -4.78 6.18 13.79
N MET A 68 -5.24 5.77 12.62
CA MET A 68 -4.53 4.74 11.85
C MET A 68 -3.67 5.50 10.83
N ILE A 69 -2.33 5.30 10.94
CA ILE A 69 -1.35 6.05 10.21
C ILE A 69 -0.58 5.16 9.21
N ASP A 70 -0.18 5.77 8.10
CA ASP A 70 0.49 5.00 7.03
C ASP A 70 1.95 4.75 7.45
N VAL A 71 2.52 3.67 6.87
CA VAL A 71 3.95 3.32 7.11
C VAL A 71 4.88 4.47 6.79
N ILE A 72 4.51 5.31 5.84
CA ILE A 72 5.30 6.47 5.33
C ILE A 72 5.18 7.69 6.24
N TRP A 73 4.37 7.63 7.29
CA TRP A 73 4.10 8.76 8.15
C TRP A 73 4.86 8.97 9.47
N PRO A 74 5.46 7.95 10.07
CA PRO A 74 6.04 8.22 11.39
C PRO A 74 6.95 9.46 11.49
N GLY A 75 7.81 9.68 10.52
CA GLY A 75 8.67 10.89 10.54
C GLY A 75 7.90 12.19 10.45
N ILE A 76 6.76 12.17 9.78
CA ILE A 76 5.93 13.37 9.71
C ILE A 76 5.14 13.57 10.98
N VAL A 77 4.59 12.51 11.54
CA VAL A 77 3.55 12.60 12.58
C VAL A 77 4.05 12.47 14.02
N ALA A 78 5.36 12.20 14.19
CA ALA A 78 5.90 11.91 15.52
C ALA A 78 5.51 12.93 16.62
N PRO A 79 5.54 14.23 16.31
CA PRO A 79 5.15 15.16 17.39
C PRO A 79 3.76 14.97 17.92
N HIS A 80 2.88 14.39 17.09
CA HIS A 80 1.47 14.25 17.41
C HIS A 80 1.14 12.90 18.03
N ALA A 81 2.18 12.06 18.22
CA ALA A 81 2.06 10.75 18.80
C ALA A 81 2.47 10.66 20.25
N LEU A 82 1.67 9.94 21.03
CA LEU A 82 2.08 9.52 22.36
C LEU A 82 3.15 8.47 22.21
N ASP A 83 4.25 8.52 22.94
CA ASP A 83 5.25 7.46 22.89
C ASP A 83 4.68 6.21 23.51
N LEU A 84 4.63 5.12 22.72
CA LEU A 84 4.05 3.89 23.19
C LEU A 84 5.04 3.02 23.92
N LYS A 85 6.30 3.36 23.89
CA LYS A 85 7.35 2.47 24.42
C LYS A 85 7.10 2.08 25.86
N PRO A 86 6.69 3.03 26.71
CA PRO A 86 6.46 2.70 28.12
C PRO A 86 5.32 1.75 28.39
N TYR A 87 4.44 1.49 27.40
CA TYR A 87 3.27 0.71 27.60
C TYR A 87 3.41 -0.73 27.16
N LEU A 88 4.53 -1.06 26.53
CA LEU A 88 4.72 -2.41 26.03
C LEU A 88 6.03 -2.96 26.64
N THR A 89 6.00 -4.21 27.00
CA THR A 89 7.22 -4.92 27.39
C THR A 89 8.03 -5.25 26.16
N GLU A 90 9.29 -5.58 26.37
CA GLU A 90 10.15 -5.94 25.28
C GLU A 90 9.59 -7.18 24.62
N ALA A 91 9.08 -8.11 25.42
CA ALA A 91 8.52 -9.38 24.87
C ALA A 91 7.29 -9.07 23.95
N GLU A 92 6.43 -8.19 24.44
CA GLU A 92 5.23 -7.84 23.66
C GLU A 92 5.65 -7.19 22.34
N LEU A 93 6.66 -6.31 22.39
CA LEU A 93 7.08 -5.60 21.15
C LEU A 93 7.73 -6.54 20.17
N LYS A 94 8.35 -7.61 20.67
CA LYS A 94 8.99 -8.54 19.80
C LYS A 94 8.05 -9.50 19.10
N GLU A 95 6.78 -9.48 19.47
CA GLU A 95 5.77 -10.25 18.74
C GLU A 95 5.46 -9.66 17.34
N PHE A 96 5.91 -8.45 17.08
CA PHE A 96 5.75 -7.80 15.79
C PHE A 96 7.01 -7.90 14.98
N PHE A 97 6.91 -7.80 13.65
CA PHE A 97 8.09 -7.76 12.80
C PHE A 97 8.99 -6.62 13.22
N PRO A 98 10.26 -6.92 13.51
CA PRO A 98 11.18 -5.84 13.89
C PRO A 98 11.34 -4.71 12.89
N ARG A 99 11.28 -4.99 11.57
CA ARG A 99 11.42 -3.94 10.58
C ARG A 99 10.32 -2.89 10.82
N ILE A 100 9.11 -3.33 11.14
CA ILE A 100 7.95 -2.39 11.15
C ILE A 100 8.06 -1.60 12.49
N VAL A 101 8.46 -2.27 13.54
CA VAL A 101 8.65 -1.58 14.85
C VAL A 101 9.73 -0.50 14.65
N GLN A 102 10.83 -0.83 13.95
CA GLN A 102 11.91 0.13 13.66
C GLN A 102 11.38 1.30 12.80
N ASN A 103 10.57 1.02 11.78
CA ASN A 103 9.98 2.02 10.94
C ASN A 103 9.19 3.01 11.79
N ASN A 104 8.47 2.47 12.78
CA ASN A 104 7.50 3.27 13.54
C ASN A 104 8.21 4.03 14.71
N THR A 105 9.51 3.78 14.87
CA THR A 105 10.30 4.39 15.96
C THR A 105 11.13 5.55 15.35
N ILE A 106 10.90 6.76 15.86
CA ILE A 106 11.51 7.97 15.39
C ILE A 106 12.22 8.63 16.61
N ARG A 107 13.52 8.73 16.45
CA ARG A 107 14.37 9.33 17.49
C ARG A 107 14.08 8.63 18.80
N GLY A 108 13.96 7.29 18.76
CA GLY A 108 13.65 6.48 19.92
C GLY A 108 12.22 6.47 20.46
N LYS A 109 11.30 7.28 19.89
CA LYS A 109 9.92 7.28 20.25
C LYS A 109 9.14 6.23 19.44
N LEU A 110 8.46 5.33 20.10
CA LEU A 110 7.59 4.36 19.37
C LEU A 110 6.28 5.11 19.09
N THR A 111 6.14 5.52 17.82
CA THR A 111 5.01 6.35 17.46
C THR A 111 3.72 5.61 17.36
N SER A 112 3.78 4.30 17.12
CA SER A 112 2.58 3.59 16.76
C SER A 112 2.85 2.08 16.74
N LEU A 113 1.82 1.28 16.96
CA LEU A 113 1.98 -0.15 16.92
C LEU A 113 1.71 -0.62 15.49
N PRO A 114 2.49 -1.57 14.98
CA PRO A 114 2.16 -2.17 13.68
C PRO A 114 0.79 -2.82 13.68
N PHE A 115 -0.02 -2.63 12.66
CA PHE A 115 -1.36 -3.16 12.63
C PHE A 115 -1.53 -4.14 11.51
N PHE A 116 -1.40 -3.69 10.27
CA PHE A 116 -1.27 -4.61 9.09
C PHE A 116 -0.22 -4.11 8.19
N THR A 117 0.48 -5.04 7.52
CA THR A 117 1.50 -4.63 6.55
C THR A 117 0.88 -4.68 5.14
N ASP A 118 1.70 -4.53 4.13
CA ASP A 118 1.19 -4.44 2.76
C ASP A 118 2.38 -4.56 1.83
N ALA A 119 2.14 -5.11 0.65
CA ALA A 119 3.12 -5.17 -0.42
C ALA A 119 2.43 -5.25 -1.75
N GLY A 120 2.93 -4.53 -2.75
CA GLY A 120 2.32 -4.64 -4.07
C GLY A 120 2.52 -6.02 -4.68
N ILE A 121 1.46 -6.59 -5.30
CA ILE A 121 1.53 -7.91 -5.89
C ILE A 121 0.79 -7.91 -7.22
N LEU A 122 1.04 -8.93 -8.02
CA LEU A 122 0.38 -9.15 -9.28
C LEU A 122 -0.76 -10.10 -9.12
N TYR A 123 -1.95 -9.63 -9.46
CA TYR A 123 -3.17 -10.44 -9.59
C TYR A 123 -3.31 -10.85 -11.06
N TYR A 124 -3.68 -12.13 -11.28
CA TYR A 124 -3.81 -12.64 -12.66
C TYR A 124 -4.97 -13.58 -12.78
N ARG A 125 -5.64 -13.50 -13.94
CA ARG A 125 -6.77 -14.41 -14.27
C ARG A 125 -6.20 -15.77 -14.79
N LYS A 126 -6.23 -16.75 -13.91
CA LYS A 126 -5.67 -18.06 -14.26
CA LYS A 126 -5.76 -18.13 -14.18
C LYS A 126 -6.55 -18.77 -15.31
N ASP A 127 -7.84 -18.49 -15.32
CA ASP A 127 -8.73 -19.04 -16.38
C ASP A 127 -8.32 -18.57 -17.71
N LEU A 128 -8.03 -17.28 -17.84
CA LEU A 128 -7.64 -16.70 -19.10
C LEU A 128 -6.24 -17.12 -19.49
N LEU A 129 -5.30 -17.26 -18.55
CA LEU A 129 -3.97 -17.71 -18.94
C LEU A 129 -4.12 -19.12 -19.57
N GLU A 130 -4.87 -19.96 -18.91
CA GLU A 130 -5.07 -21.35 -19.39
C GLU A 130 -5.74 -21.34 -20.77
N LYS A 131 -6.77 -20.53 -20.93
CA LYS A 131 -7.47 -20.40 -22.21
C LYS A 131 -6.54 -20.03 -23.37
N TYR A 132 -5.48 -19.23 -23.13
CA TYR A 132 -4.63 -18.76 -24.18
C TYR A 132 -3.28 -19.52 -24.22
N GLY A 133 -3.21 -20.58 -23.47
CA GLY A 133 -2.09 -21.52 -23.53
C GLY A 133 -0.89 -21.16 -22.68
N TYR A 134 -1.07 -20.29 -21.69
CA TYR A 134 0.04 -19.94 -20.81
C TYR A 134 -0.05 -20.75 -19.54
N THR A 135 1.06 -21.26 -19.07
CA THR A 135 1.04 -22.16 -17.89
C THR A 135 1.49 -21.51 -16.56
N SER A 136 2.07 -20.34 -16.65
CA SER A 136 2.58 -19.58 -15.48
C SER A 136 2.30 -18.09 -15.71
N PRO A 137 2.13 -17.33 -14.62
CA PRO A 137 2.06 -15.90 -14.76
C PRO A 137 3.38 -15.31 -15.22
N PRO A 138 3.38 -14.09 -15.77
CA PRO A 138 4.56 -13.55 -16.35
C PRO A 138 5.63 -13.23 -15.31
N ARG A 139 6.87 -13.52 -15.64
CA ARG A 139 8.00 -13.14 -14.78
C ARG A 139 8.71 -11.90 -15.17
N THR A 140 8.55 -11.47 -16.43
CA THR A 140 9.14 -10.28 -16.87
C THR A 140 8.07 -9.34 -17.39
N TRP A 141 8.41 -8.06 -17.43
CA TRP A 141 7.45 -7.04 -17.92
C TRP A 141 7.15 -7.30 -19.43
N ASN A 142 8.16 -7.72 -20.18
CA ASN A 142 7.88 -8.05 -21.61
C ASN A 142 6.88 -9.18 -21.70
N GLU A 143 7.00 -10.27 -20.89
CA GLU A 143 6.02 -11.34 -20.90
C GLU A 143 4.67 -10.80 -20.55
N LEU A 144 4.61 -9.93 -19.55
CA LEU A 144 3.29 -9.42 -19.16
C LEU A 144 2.62 -8.73 -20.37
N GLU A 145 3.43 -7.95 -21.12
CA GLU A 145 2.88 -7.17 -22.23
C GLU A 145 2.49 -8.11 -23.35
N GLN A 146 3.29 -9.11 -23.60
CA GLN A 146 2.91 -10.14 -24.65
C GLN A 146 1.64 -10.87 -24.34
N MET A 147 1.49 -11.34 -23.09
CA MET A 147 0.31 -12.05 -22.67
C MET A 147 -0.90 -11.11 -22.76
N ALA A 148 -0.71 -9.86 -22.26
CA ALA A 148 -1.80 -8.92 -22.23
C ALA A 148 -2.28 -8.62 -23.66
N GLU A 149 -1.36 -8.41 -24.58
CA GLU A 149 -1.74 -8.15 -26.01
C GLU A 149 -2.54 -9.30 -26.57
N ARG A 150 -2.09 -10.52 -26.33
CA ARG A 150 -2.72 -11.68 -26.97
C ARG A 150 -4.10 -11.95 -26.37
N VAL A 151 -4.23 -11.91 -25.02
CA VAL A 151 -5.48 -12.17 -24.38
C VAL A 151 -6.47 -11.05 -24.72
N MET A 152 -6.04 -9.82 -24.69
CA MET A 152 -6.95 -8.72 -25.10
C MET A 152 -7.49 -8.88 -26.51
N GLU A 153 -6.61 -9.22 -27.43
CA GLU A 153 -7.02 -9.36 -28.84
C GLU A 153 -8.13 -10.42 -28.87
N GLY A 154 -7.91 -11.52 -28.17
CA GLY A 154 -8.89 -12.63 -28.16
C GLY A 154 -10.20 -12.30 -27.49
N GLU A 155 -10.13 -11.66 -26.30
CA GLU A 155 -11.33 -11.33 -25.60
C GLU A 155 -12.16 -10.25 -26.27
N ARG A 156 -11.47 -9.28 -26.88
CA ARG A 156 -12.18 -8.21 -27.61
C ARG A 156 -12.87 -8.87 -28.82
N ARG A 157 -12.19 -9.79 -29.46
CA ARG A 157 -12.74 -10.39 -30.70
C ARG A 157 -13.96 -11.25 -30.34
N ALA A 158 -13.94 -11.86 -29.17
CA ALA A 158 -15.03 -12.64 -28.68
C ALA A 158 -16.18 -11.80 -28.13
N GLY A 159 -16.04 -10.48 -28.13
CA GLY A 159 -17.11 -9.59 -27.79
C GLY A 159 -17.08 -8.81 -26.50
N ASN A 160 -16.00 -8.92 -25.70
CA ASN A 160 -16.02 -8.19 -24.46
C ASN A 160 -15.34 -6.88 -24.74
N ARG A 161 -16.14 -5.83 -24.97
CA ARG A 161 -15.55 -4.54 -25.31
C ARG A 161 -14.92 -3.84 -24.07
N ASP A 162 -15.23 -4.34 -22.85
CA ASP A 162 -14.77 -3.71 -21.64
C ASP A 162 -13.37 -4.29 -21.26
N PHE A 163 -12.83 -5.21 -22.04
CA PHE A 163 -11.65 -6.01 -21.57
C PHE A 163 -10.32 -5.33 -21.85
N TRP A 164 -9.47 -5.28 -20.78
CA TRP A 164 -8.14 -4.78 -20.85
C TRP A 164 -7.12 -5.84 -20.38
N GLY A 165 -5.87 -5.57 -20.69
CA GLY A 165 -4.80 -6.42 -20.28
C GLY A 165 -4.30 -6.16 -18.87
N PHE A 166 -4.27 -4.92 -18.45
CA PHE A 166 -3.57 -4.55 -17.17
C PHE A 166 -4.19 -3.32 -16.61
N VAL A 167 -4.45 -3.33 -15.30
CA VAL A 167 -4.88 -2.16 -14.60
C VAL A 167 -3.97 -1.98 -13.35
N PHE A 168 -3.82 -0.72 -12.94
CA PHE A 168 -2.91 -0.31 -11.86
C PHE A 168 -3.30 1.03 -11.39
N GLN A 169 -2.54 1.61 -10.45
CA GLN A 169 -2.84 2.91 -9.91
C GLN A 169 -2.02 4.00 -10.62
N GLY A 170 -2.65 4.73 -11.57
CA GLY A 170 -1.96 5.80 -12.26
C GLY A 170 -2.39 7.22 -11.96
N LYS A 171 -3.33 7.37 -11.00
CA LYS A 171 -3.77 8.68 -10.52
C LYS A 171 -2.59 9.45 -9.92
N PRO A 172 -2.62 10.79 -9.94
CA PRO A 172 -1.54 11.56 -9.28
C PRO A 172 -1.81 11.66 -7.80
N TYR A 173 -1.26 10.69 -7.05
CA TYR A 173 -1.42 10.59 -5.63
C TYR A 173 -0.37 9.55 -5.15
N GLU A 174 -0.41 9.27 -3.85
CA GLU A 174 0.61 8.42 -3.22
C GLU A 174 0.66 7.05 -3.83
N GLY A 175 -0.47 6.49 -4.26
CA GLY A 175 -0.45 5.17 -4.85
C GLY A 175 0.38 5.06 -6.07
N LEU A 176 0.47 6.13 -6.86
CA LEU A 176 1.37 6.16 -8.01
C LEU A 176 2.83 6.13 -7.61
N THR A 177 3.21 6.83 -6.55
CA THR A 177 4.59 6.71 -6.06
C THR A 177 4.82 5.22 -5.79
N CYS A 178 3.86 4.52 -5.14
CA CYS A 178 4.05 3.08 -4.92
C CYS A 178 4.23 2.27 -6.15
N ASP A 179 3.38 2.50 -7.18
CA ASP A 179 3.50 1.74 -8.39
C ASP A 179 4.86 2.06 -9.08
N ALA A 180 5.19 3.35 -9.08
CA ALA A 180 6.38 3.80 -9.76
C ALA A 180 7.68 3.32 -9.13
N LEU A 181 7.70 3.25 -7.82
CA LEU A 181 8.86 2.63 -7.16
C LEU A 181 9.05 1.20 -7.60
N GLU A 182 7.91 0.44 -7.72
CA GLU A 182 8.00 -0.93 -8.25
C GLU A 182 8.56 -0.95 -9.67
N TRP A 183 8.08 -0.07 -10.54
CA TRP A 183 8.59 -0.07 -11.92
C TRP A 183 10.10 0.22 -11.90
N ILE A 184 10.49 1.29 -11.24
CA ILE A 184 11.86 1.74 -11.22
C ILE A 184 12.78 0.65 -10.63
N TYR A 185 12.43 0.17 -9.45
CA TYR A 185 13.31 -0.80 -8.74
C TYR A 185 13.42 -2.08 -9.54
N SER A 186 12.33 -2.56 -10.18
CA SER A 186 12.29 -3.81 -10.95
C SER A 186 13.00 -3.69 -12.28
N HIS A 187 13.41 -2.48 -12.66
CA HIS A 187 14.25 -2.26 -13.85
C HIS A 187 15.72 -2.13 -13.47
N GLY A 188 16.05 -2.30 -12.17
CA GLY A 188 17.39 -1.98 -11.70
C GLY A 188 17.74 -0.51 -11.60
N GLY A 189 16.73 0.36 -11.48
CA GLY A 189 16.89 1.78 -11.42
C GLY A 189 17.01 2.38 -10.07
N GLY A 190 16.98 1.55 -9.02
CA GLY A 190 17.15 2.05 -7.64
C GLY A 190 15.87 2.43 -6.93
N ARG A 191 16.07 3.18 -5.86
CA ARG A 191 14.99 3.46 -4.86
C ARG A 191 14.49 4.89 -4.88
N ILE A 192 14.82 5.61 -5.94
CA ILE A 192 14.48 7.01 -6.16
C ILE A 192 15.36 7.92 -5.31
N VAL A 193 15.27 7.82 -3.99
CA VAL A 193 16.20 8.40 -3.04
C VAL A 193 16.68 7.22 -2.21
N GLU A 194 17.98 6.97 -2.20
CA GLU A 194 18.49 5.84 -1.45
C GLU A 194 18.49 6.10 0.06
N PRO A 195 18.56 5.02 0.84
CA PRO A 195 18.54 5.23 2.28
C PRO A 195 19.66 6.11 2.82
N ASP A 196 20.81 6.15 2.12
CA ASP A 196 21.88 7.07 2.44
C ASP A 196 21.73 8.51 2.08
N GLY A 197 20.66 8.85 1.40
CA GLY A 197 20.36 10.18 0.91
C GLY A 197 20.61 10.47 -0.53
N THR A 198 21.35 9.58 -1.21
CA THR A 198 21.66 9.83 -2.60
C THR A 198 20.38 9.84 -3.40
N ILE A 199 20.18 10.93 -4.13
CA ILE A 199 19.05 11.00 -5.09
C ILE A 199 19.53 10.33 -6.37
N SER A 200 19.08 9.12 -6.61
CA SER A 200 19.63 8.24 -7.62
C SER A 200 18.79 8.12 -8.91
N VAL A 201 17.56 8.72 -8.90
CA VAL A 201 16.56 8.44 -9.95
C VAL A 201 16.94 8.87 -11.36
N ASN A 202 17.87 9.84 -11.50
CA ASN A 202 18.28 10.25 -12.87
C ASN A 202 19.25 9.22 -13.46
N ASN A 203 18.72 8.14 -13.99
CA ASN A 203 19.49 7.11 -14.64
C ASN A 203 18.62 6.47 -15.68
N GLY A 204 19.29 5.81 -16.63
CA GLY A 204 18.60 5.23 -17.77
C GLY A 204 17.64 4.12 -17.48
N ARG A 205 17.87 3.35 -16.41
CA ARG A 205 17.01 2.24 -16.08
C ARG A 205 15.70 2.80 -15.51
N ALA A 206 15.80 3.83 -14.68
CA ALA A 206 14.56 4.50 -14.17
C ALA A 206 13.81 5.12 -15.33
N ALA A 207 14.52 5.80 -16.23
CA ALA A 207 13.82 6.34 -17.38
C ALA A 207 13.15 5.27 -18.19
N LEU A 208 13.80 4.14 -18.45
CA LEU A 208 13.19 3.07 -19.22
C LEU A 208 11.92 2.60 -18.52
N ALA A 209 11.99 2.45 -17.19
CA ALA A 209 10.84 1.91 -16.49
C ALA A 209 9.63 2.82 -16.67
N LEU A 210 9.84 4.12 -16.64
CA LEU A 210 8.73 5.09 -16.80
C LEU A 210 8.23 5.11 -18.27
N ASN A 211 9.18 5.02 -19.22
CA ASN A 211 8.74 4.92 -20.64
C ASN A 211 7.94 3.66 -20.88
N ARG A 212 8.33 2.54 -20.26
CA ARG A 212 7.59 1.32 -20.41
C ARG A 212 6.14 1.50 -19.90
N ALA A 213 6.00 2.14 -18.73
CA ALA A 213 4.68 2.35 -18.18
C ALA A 213 3.83 3.23 -19.06
N HIS A 214 4.44 4.26 -19.60
CA HIS A 214 3.73 5.13 -20.60
C HIS A 214 3.21 4.27 -21.74
N GLY A 215 4.02 3.31 -22.17
CA GLY A 215 3.66 2.39 -23.22
C GLY A 215 2.45 1.55 -23.00
N TRP A 216 2.04 1.36 -21.75
CA TRP A 216 0.85 0.65 -21.47
C TRP A 216 -0.45 1.50 -21.64
N VAL A 217 -0.35 2.81 -21.45
CA VAL A 217 -1.53 3.63 -21.28
C VAL A 217 -2.27 3.74 -22.62
N GLY A 218 -3.53 3.33 -22.56
CA GLY A 218 -4.41 3.29 -23.73
C GLY A 218 -4.10 2.20 -24.67
N ARG A 219 -3.26 1.25 -24.26
CA ARG A 219 -2.81 0.16 -25.09
C ARG A 219 -3.18 -1.11 -24.44
N ILE A 220 -2.41 -1.61 -23.48
CA ILE A 220 -2.91 -2.73 -22.69
C ILE A 220 -3.68 -2.34 -21.42
N ALA A 221 -3.54 -1.06 -21.03
CA ALA A 221 -4.30 -0.49 -19.93
C ALA A 221 -5.19 0.61 -20.40
N PRO A 222 -6.34 0.81 -19.71
CA PRO A 222 -7.22 1.88 -20.15
C PRO A 222 -6.59 3.24 -20.16
N GLN A 223 -6.98 4.14 -21.08
CA GLN A 223 -6.56 5.49 -21.00
C GLN A 223 -6.87 6.12 -19.64
N GLY A 224 -7.98 5.67 -19.05
CA GLY A 224 -8.40 6.23 -17.76
C GLY A 224 -7.55 5.75 -16.56
N VAL A 225 -6.55 4.90 -16.84
CA VAL A 225 -5.69 4.39 -15.74
C VAL A 225 -4.98 5.56 -15.08
N THR A 226 -4.76 6.67 -15.81
CA THR A 226 -4.12 7.83 -15.28
C THR A 226 -4.95 8.59 -14.24
N SER A 227 -6.16 8.11 -13.99
CA SER A 227 -6.99 8.59 -12.90
CA SER A 227 -6.99 8.58 -12.90
C SER A 227 -7.36 7.49 -11.90
N TYR A 228 -6.77 6.30 -12.01
CA TYR A 228 -7.17 5.18 -11.12
C TYR A 228 -6.36 5.17 -9.82
N ALA A 229 -7.06 5.05 -8.71
CA ALA A 229 -6.51 4.63 -7.43
C ALA A 229 -6.84 3.13 -7.24
N GLU A 230 -6.62 2.66 -6.03
CA GLU A 230 -6.77 1.26 -5.73
C GLU A 230 -8.14 0.74 -6.17
N GLU A 231 -9.22 1.46 -5.81
CA GLU A 231 -10.55 0.88 -6.03
C GLU A 231 -10.97 0.95 -7.50
N GLU A 232 -10.51 1.96 -8.24
CA GLU A 232 -10.82 2.03 -9.66
C GLU A 232 -10.21 0.86 -10.41
N ALA A 233 -8.95 0.57 -10.10
CA ALA A 233 -8.32 -0.63 -10.66
C ALA A 233 -9.06 -1.89 -10.25
N ARG A 234 -9.36 -2.02 -8.96
CA ARG A 234 -10.03 -3.22 -8.47
C ARG A 234 -11.38 -3.42 -9.18
N ASN A 235 -12.11 -2.33 -9.43
CA ASN A 235 -13.43 -2.46 -10.06
C ASN A 235 -13.41 -3.03 -11.48
N VAL A 236 -12.46 -2.62 -12.28
CA VAL A 236 -12.32 -3.16 -13.63
C VAL A 236 -11.98 -4.61 -13.54
N TRP A 237 -11.00 -4.91 -12.70
CA TRP A 237 -10.49 -6.26 -12.49
C TRP A 237 -11.61 -7.18 -11.96
N GLN A 238 -12.34 -6.71 -10.97
CA GLN A 238 -13.32 -7.54 -10.27
C GLN A 238 -14.55 -7.82 -11.09
N GLN A 239 -14.88 -6.92 -11.99
CA GLN A 239 -15.94 -7.19 -12.95
C GLN A 239 -15.55 -8.22 -13.99
N GLY A 240 -14.28 -8.61 -14.01
CA GLY A 240 -13.81 -9.58 -14.97
C GLY A 240 -13.15 -9.02 -16.19
N ASN A 241 -12.83 -7.72 -16.19
CA ASN A 241 -12.37 -7.02 -17.35
C ASN A 241 -10.90 -6.65 -17.38
N SER A 242 -10.05 -7.38 -16.63
CA SER A 242 -8.62 -7.22 -16.82
C SER A 242 -7.88 -8.52 -16.61
N LEU A 243 -6.94 -8.82 -17.46
CA LEU A 243 -6.12 -10.07 -17.30
C LEU A 243 -5.27 -9.94 -16.04
N PHE A 244 -4.66 -8.78 -15.85
CA PHE A 244 -3.70 -8.53 -14.76
C PHE A 244 -4.11 -7.29 -13.98
N MET A 245 -3.74 -7.29 -12.72
CA MET A 245 -3.86 -6.08 -11.92
C MET A 245 -2.72 -6.00 -10.94
N ARG A 246 -2.13 -4.81 -10.81
CA ARG A 246 -1.25 -4.57 -9.67
C ARG A 246 -2.09 -3.98 -8.56
N ASN A 247 -2.03 -4.54 -7.35
CA ASN A 247 -2.75 -4.00 -6.20
C ASN A 247 -2.20 -4.62 -4.92
N TRP A 248 -2.81 -4.25 -3.85
CA TRP A 248 -2.39 -4.72 -2.51
C TRP A 248 -3.27 -5.96 -2.17
N PRO A 249 -2.85 -6.74 -1.12
CA PRO A 249 -3.57 -7.94 -0.63
C PRO A 249 -5.05 -7.84 -0.37
N TYR A 250 -5.56 -6.68 0.07
CA TYR A 250 -7.00 -6.57 0.37
C TYR A 250 -7.89 -6.97 -0.78
N ALA A 251 -7.43 -6.84 -2.02
CA ALA A 251 -8.32 -7.14 -3.13
C ALA A 251 -8.62 -8.62 -3.23
N TYR A 252 -7.79 -9.47 -2.65
CA TYR A 252 -8.00 -10.93 -2.79
C TYR A 252 -9.31 -11.37 -2.17
N ALA A 253 -9.51 -11.04 -0.92
CA ALA A 253 -10.74 -11.48 -0.27
C ALA A 253 -11.96 -10.90 -0.95
N LEU A 254 -11.88 -9.66 -1.43
CA LEU A 254 -13.00 -9.04 -2.11
C LEU A 254 -13.32 -9.79 -3.41
N GLY A 255 -12.31 -10.25 -4.14
CA GLY A 255 -12.51 -10.94 -5.39
C GLY A 255 -13.01 -12.35 -5.18
N GLN A 256 -12.83 -12.89 -4.01
CA GLN A 256 -13.30 -14.28 -3.69
C GLN A 256 -14.67 -14.25 -3.04
N ALA A 257 -15.25 -13.09 -2.82
CA ALA A 257 -16.54 -13.03 -2.11
C ALA A 257 -17.66 -13.58 -3.02
N GLU A 258 -18.66 -14.13 -2.38
CA GLU A 258 -19.77 -14.69 -3.10
C GLU A 258 -20.36 -13.59 -3.90
N GLY A 259 -20.68 -13.86 -5.14
CA GLY A 259 -21.19 -12.82 -6.04
C GLY A 259 -20.13 -12.04 -6.79
N SER A 260 -18.85 -12.22 -6.43
CA SER A 260 -17.82 -11.72 -7.33
C SER A 260 -17.75 -12.46 -8.65
N PRO A 261 -17.75 -11.74 -9.76
CA PRO A 261 -17.63 -12.36 -11.04
C PRO A 261 -16.37 -13.16 -11.26
N ILE A 262 -15.34 -12.88 -10.45
CA ILE A 262 -14.09 -13.55 -10.68
C ILE A 262 -13.72 -14.54 -9.60
N ARG A 263 -14.64 -14.84 -8.68
CA ARG A 263 -14.41 -15.83 -7.63
C ARG A 263 -13.84 -17.13 -8.19
N GLY A 264 -12.73 -17.57 -7.61
CA GLY A 264 -12.12 -18.83 -8.07
C GLY A 264 -11.32 -18.79 -9.36
N LYS A 265 -11.23 -17.61 -10.02
CA LYS A 265 -10.61 -17.48 -11.30
C LYS A 265 -9.23 -16.82 -11.29
N PHE A 266 -8.66 -16.55 -10.11
CA PHE A 266 -7.42 -15.80 -10.10
C PHE A 266 -6.43 -16.25 -9.06
N GLY A 267 -5.18 -15.87 -9.30
CA GLY A 267 -4.10 -16.07 -8.34
C GLY A 267 -3.35 -14.78 -8.14
N VAL A 268 -2.34 -14.88 -7.29
CA VAL A 268 -1.42 -13.72 -7.06
C VAL A 268 -0.01 -14.23 -7.08
N THR A 269 0.92 -13.36 -7.49
CA THR A 269 2.34 -13.68 -7.47
C THR A 269 3.13 -12.41 -7.34
N VAL A 270 4.44 -12.49 -7.31
CA VAL A 270 5.28 -11.33 -7.29
C VAL A 270 5.06 -10.55 -8.63
N LEU A 271 5.22 -9.25 -8.56
CA LEU A 271 5.25 -8.41 -9.77
C LEU A 271 6.39 -8.83 -10.68
N PRO A 272 6.19 -8.70 -11.98
CA PRO A 272 7.31 -8.94 -12.88
C PRO A 272 8.46 -7.98 -12.74
N LYS A 273 9.59 -8.31 -13.41
CA LYS A 273 10.73 -7.43 -13.42
C LYS A 273 11.37 -7.39 -14.82
N ALA A 274 12.35 -6.57 -15.02
CA ALA A 274 12.82 -6.33 -16.36
C ALA A 274 13.58 -7.50 -16.87
N SER A 275 14.39 -8.11 -16.03
CA SER A 275 15.14 -9.31 -16.42
C SER A 275 15.43 -10.13 -15.21
N ALA A 276 15.99 -11.30 -15.42
CA ALA A 276 16.11 -12.26 -14.31
C ALA A 276 17.05 -11.77 -13.22
N ASP A 277 18.03 -10.91 -13.53
CA ASP A 277 18.89 -10.42 -12.48
C ASP A 277 18.47 -9.10 -11.86
N ALA A 278 17.33 -8.53 -12.30
CA ALA A 278 16.81 -7.37 -11.60
C ALA A 278 16.25 -7.79 -10.26
N PRO A 279 16.07 -6.87 -9.31
CA PRO A 279 15.47 -7.32 -8.06
C PRO A 279 13.96 -7.36 -8.18
N ASN A 280 13.37 -8.27 -7.45
CA ASN A 280 11.90 -8.31 -7.30
C ASN A 280 11.48 -7.02 -6.64
N ALA A 281 10.35 -6.44 -7.11
CA ALA A 281 9.86 -5.25 -6.48
C ALA A 281 8.45 -5.45 -5.95
N ALA A 282 8.27 -5.09 -4.68
CA ALA A 282 6.94 -5.00 -4.03
C ALA A 282 7.06 -3.84 -3.07
N THR A 283 6.35 -2.74 -3.32
CA THR A 283 6.47 -1.60 -2.43
C THR A 283 5.88 -1.94 -1.05
N LEU A 284 6.63 -1.62 0.01
CA LEU A 284 6.15 -1.78 1.34
C LEU A 284 5.06 -0.76 1.64
N GLY A 285 3.93 -1.29 2.06
CA GLY A 285 2.86 -0.46 2.60
C GLY A 285 2.50 -0.84 3.99
N GLY A 286 1.33 -0.41 4.45
CA GLY A 286 0.78 -0.88 5.71
C GLY A 286 0.44 0.25 6.64
N TRP A 287 -0.36 -0.06 7.66
CA TRP A 287 -0.91 0.90 8.56
C TRP A 287 -0.58 0.55 10.01
N GLN A 288 -0.46 1.60 10.81
CA GLN A 288 -0.02 1.56 12.21
C GLN A 288 -1.11 2.23 13.04
N LEU A 289 -1.07 1.95 14.35
CA LEU A 289 -2.03 2.56 15.28
C LEU A 289 -1.36 3.51 16.24
N MET A 290 -1.74 4.78 16.16
CA MET A 290 -1.15 5.86 16.96
C MET A 290 -2.15 6.38 17.99
N VAL A 291 -1.68 6.55 19.22
CA VAL A 291 -2.49 7.28 20.21
C VAL A 291 -2.13 8.73 20.09
N SER A 292 -3.11 9.58 20.01
CA SER A 292 -2.88 11.00 19.89
C SER A 292 -2.16 11.62 21.11
N ALA A 293 -1.16 12.45 20.88
CA ALA A 293 -0.53 13.23 21.95
C ALA A 293 -1.55 14.20 22.55
N TYR A 294 -2.68 14.41 21.88
CA TYR A 294 -3.72 15.36 22.29
C TYR A 294 -4.92 14.63 22.92
N SER A 295 -4.88 13.30 22.97
CA SER A 295 -5.94 12.51 23.67
C SER A 295 -6.01 12.82 25.13
N ARG A 296 -7.23 13.10 25.56
CA ARG A 296 -7.48 13.23 27.02
C ARG A 296 -7.49 11.89 27.78
N TYR A 297 -7.55 10.76 27.06
CA TYR A 297 -7.68 9.42 27.61
C TYR A 297 -6.59 8.49 27.15
N PRO A 298 -5.32 8.79 27.42
CA PRO A 298 -4.22 7.96 26.89
C PRO A 298 -4.27 6.54 27.34
N LYS A 299 -4.62 6.27 28.61
CA LYS A 299 -4.61 4.89 29.07
C LYS A 299 -5.64 4.03 28.30
N GLU A 300 -6.82 4.60 28.15
CA GLU A 300 -7.90 3.90 27.47
C GLU A 300 -7.55 3.70 25.97
N ALA A 301 -6.99 4.74 25.40
CA ALA A 301 -6.62 4.68 24.01
C ALA A 301 -5.52 3.67 23.76
N VAL A 302 -4.51 3.61 24.62
CA VAL A 302 -3.52 2.55 24.53
C VAL A 302 -4.18 1.18 24.63
N ASP A 303 -5.12 0.98 25.54
CA ASP A 303 -5.78 -0.31 25.67
CA ASP A 303 -5.74 -0.32 25.65
C ASP A 303 -6.48 -0.69 24.35
N LEU A 304 -7.16 0.26 23.72
CA LEU A 304 -7.81 0.01 22.43
C LEU A 304 -6.77 -0.37 21.35
N VAL A 305 -5.65 0.37 21.32
CA VAL A 305 -4.62 0.10 20.31
C VAL A 305 -3.98 -1.27 20.50
N LYS A 306 -3.78 -1.71 21.75
CA LYS A 306 -3.25 -3.05 21.98
C LYS A 306 -4.29 -4.08 21.60
N TYR A 307 -5.58 -3.83 21.78
CA TYR A 307 -6.59 -4.78 21.35
C TYR A 307 -6.64 -4.90 19.82
N LEU A 308 -6.65 -3.79 19.15
CA LEU A 308 -6.69 -3.83 17.69
C LEU A 308 -5.48 -4.52 17.10
N ALA A 309 -4.30 -4.35 17.69
CA ALA A 309 -3.07 -4.98 17.21
C ALA A 309 -2.89 -6.42 17.70
N SER A 310 -3.81 -6.92 18.47
CA SER A 310 -3.69 -8.25 19.04
C SER A 310 -3.78 -9.37 18.06
N TYR A 311 -3.31 -10.52 18.51
CA TYR A 311 -3.37 -11.72 17.63
C TYR A 311 -4.72 -11.94 17.01
N GLU A 312 -5.78 -11.96 17.86
CA GLU A 312 -7.07 -12.35 17.38
C GLU A 312 -7.69 -11.34 16.39
N VAL A 313 -7.47 -10.06 16.62
CA VAL A 313 -8.00 -9.04 15.72
C VAL A 313 -7.23 -9.05 14.40
N GLN A 314 -5.90 -9.19 14.48
CA GLN A 314 -5.11 -9.30 13.23
C GLN A 314 -5.52 -10.58 12.47
N LYS A 315 -5.80 -11.67 13.23
CA LYS A 315 -6.26 -12.89 12.57
C LYS A 315 -7.54 -12.65 11.79
N ASP A 316 -8.51 -11.95 12.40
CA ASP A 316 -9.78 -11.64 11.73
C ASP A 316 -9.58 -10.79 10.47
N ASN A 317 -8.64 -9.85 10.58
CA ASN A 317 -8.28 -9.01 9.42
C ASN A 317 -7.70 -9.88 8.29
N ALA A 318 -6.86 -10.85 8.65
CA ALA A 318 -6.26 -11.76 7.65
C ALA A 318 -7.32 -12.63 7.01
N VAL A 319 -8.11 -13.28 7.84
CA VAL A 319 -9.10 -14.24 7.35
C VAL A 319 -10.21 -13.59 6.52
N ARG A 320 -10.80 -12.50 7.04
CA ARG A 320 -11.92 -11.90 6.42
C ARG A 320 -11.58 -10.87 5.34
N LEU A 321 -10.47 -10.16 5.56
CA LEU A 321 -10.12 -9.08 4.66
C LEU A 321 -8.82 -9.31 3.91
N SER A 322 -8.21 -10.49 4.02
CA SER A 322 -6.95 -10.82 3.34
C SER A 322 -5.91 -9.74 3.49
N ARG A 323 -5.84 -9.16 4.69
CA ARG A 323 -4.82 -8.14 4.98
C ARG A 323 -3.72 -8.72 5.82
N LEU A 324 -2.53 -8.29 5.55
CA LEU A 324 -1.29 -9.00 6.02
C LEU A 324 -0.96 -8.66 7.49
N PRO A 325 -0.83 -9.71 8.32
CA PRO A 325 -0.45 -9.46 9.71
C PRO A 325 0.90 -8.82 9.89
N THR A 326 1.09 -8.13 11.04
CA THR A 326 2.38 -7.66 11.41
C THR A 326 3.02 -8.54 12.51
N ARG A 327 2.37 -9.69 12.73
CA ARG A 327 2.84 -10.70 13.71
C ARG A 327 3.32 -11.92 12.94
N PRO A 328 4.64 -12.24 12.99
CA PRO A 328 5.11 -13.40 12.31
C PRO A 328 4.35 -14.70 12.65
N ALA A 329 3.89 -14.82 13.88
CA ALA A 329 3.20 -16.03 14.29
C ALA A 329 1.95 -16.27 13.50
N LEU A 330 1.30 -15.20 12.99
CA LEU A 330 0.09 -15.43 12.21
C LEU A 330 0.32 -16.03 10.85
N TYR A 331 1.55 -15.99 10.33
CA TYR A 331 1.88 -16.58 9.05
C TYR A 331 2.03 -18.09 9.10
N THR A 332 1.97 -18.64 10.30
CA THR A 332 1.98 -20.10 10.50
C THR A 332 0.67 -20.56 11.05
N ASP A 333 -0.28 -19.66 11.26
CA ASP A 333 -1.60 -20.06 11.79
C ASP A 333 -2.44 -20.80 10.79
N ARG A 334 -2.99 -21.96 11.20
CA ARG A 334 -3.61 -22.86 10.25
C ARG A 334 -4.80 -22.24 9.52
N ASP A 335 -5.58 -21.42 10.22
CA ASP A 335 -6.80 -20.89 9.65
C ASP A 335 -6.44 -19.70 8.68
N VAL A 336 -5.44 -18.93 9.08
CA VAL A 336 -4.92 -17.84 8.20
C VAL A 336 -4.47 -18.44 6.88
N LEU A 337 -3.68 -19.54 6.97
CA LEU A 337 -3.09 -20.16 5.79
C LEU A 337 -4.11 -20.91 4.97
N ALA A 338 -5.10 -21.55 5.60
CA ALA A 338 -6.08 -22.31 4.82
C ALA A 338 -6.89 -21.35 3.96
N ARG A 339 -7.19 -20.18 4.55
CA ARG A 339 -7.94 -19.17 3.78
C ARG A 339 -7.10 -18.45 2.73
N ASN A 340 -5.85 -18.12 3.06
CA ASN A 340 -4.96 -17.40 2.24
C ASN A 340 -3.62 -18.12 2.05
N PRO A 341 -3.59 -19.16 1.20
CA PRO A 341 -2.35 -19.97 1.11
C PRO A 341 -1.18 -19.21 0.56
N TRP A 342 -1.50 -18.19 -0.27
CA TRP A 342 -0.53 -17.33 -0.80
C TRP A 342 0.19 -16.47 0.20
N PHE A 343 -0.29 -16.35 1.44
CA PHE A 343 0.48 -15.70 2.48
C PHE A 343 1.80 -16.41 2.71
N ARG A 344 1.80 -17.74 2.65
CA ARG A 344 3.05 -18.49 2.78
C ARG A 344 3.92 -18.36 1.55
N ASP A 345 3.30 -18.43 0.37
CA ASP A 345 4.03 -18.42 -0.85
C ASP A 345 4.78 -17.09 -1.00
N LEU A 346 4.11 -15.96 -0.64
CA LEU A 346 4.69 -14.68 -0.86
C LEU A 346 5.28 -14.01 0.35
N LEU A 347 5.36 -14.74 1.47
CA LEU A 347 6.01 -14.13 2.67
C LEU A 347 7.41 -13.58 2.33
N PRO A 348 8.24 -14.31 1.59
CA PRO A 348 9.56 -13.74 1.30
C PRO A 348 9.47 -12.43 0.45
N VAL A 349 8.43 -12.34 -0.37
CA VAL A 349 8.20 -11.06 -1.13
C VAL A 349 7.84 -9.95 -0.13
N PHE A 350 6.98 -10.24 0.82
CA PHE A 350 6.61 -9.28 1.80
C PHE A 350 7.82 -8.85 2.68
N GLN A 351 8.66 -9.81 3.04
CA GLN A 351 9.89 -9.57 3.79
C GLN A 351 10.87 -8.71 3.03
N ASN A 352 10.95 -8.86 1.72
CA ASN A 352 11.93 -8.15 0.90
C ASN A 352 11.27 -6.91 0.24
N ALA A 353 10.08 -6.49 0.69
CA ALA A 353 9.42 -5.37 0.07
C ALA A 353 10.32 -4.16 0.15
N VAL A 354 10.31 -3.34 -0.88
CA VAL A 354 11.15 -2.17 -1.02
C VAL A 354 10.40 -0.98 -0.44
N SER A 355 11.05 -0.22 0.42
CA SER A 355 10.39 0.94 1.01
CA SER A 355 10.42 0.96 1.04
C SER A 355 10.58 2.16 0.16
N ARG A 356 9.55 3.01 0.15
CA ARG A 356 9.60 4.38 -0.32
C ARG A 356 10.56 5.16 0.58
N PRO A 357 10.99 6.35 0.12
CA PRO A 357 12.08 7.00 0.86
C PRO A 357 11.56 7.86 2.05
N SER A 358 10.63 7.33 2.84
CA SER A 358 10.12 8.03 3.99
C SER A 358 11.11 8.09 5.13
N ASP A 359 11.92 7.08 5.35
CA ASP A 359 12.96 7.20 6.41
C ASP A 359 13.90 8.36 6.10
N VAL A 360 14.42 8.40 4.91
CA VAL A 360 15.46 9.38 4.57
C VAL A 360 14.91 10.78 4.38
N ALA A 361 13.70 10.91 3.86
CA ALA A 361 13.02 12.23 3.70
C ALA A 361 12.41 12.78 4.97
N GLY A 362 12.13 11.90 5.91
CA GLY A 362 11.48 12.19 7.19
C GLY A 362 10.24 13.01 7.03
N ALA A 363 10.23 14.17 7.73
CA ALA A 363 9.03 15.01 7.69
C ALA A 363 8.80 15.70 6.38
N ARG A 364 9.75 15.61 5.42
CA ARG A 364 9.57 16.17 4.10
C ARG A 364 9.09 15.10 3.08
N TYR A 365 8.75 13.89 3.57
CA TYR A 365 8.40 12.82 2.68
C TYR A 365 7.25 13.19 1.79
N ASN A 366 6.19 13.85 2.29
CA ASN A 366 5.01 14.07 1.43
C ASN A 366 5.36 15.03 0.28
N GLN A 367 6.23 15.99 0.54
CA GLN A 367 6.73 16.83 -0.56
C GLN A 367 7.51 16.06 -1.63
N VAL A 368 8.40 15.18 -1.16
CA VAL A 368 9.14 14.31 -2.07
C VAL A 368 8.22 13.48 -2.93
N SER A 369 7.23 12.87 -2.31
CA SER A 369 6.31 12.00 -3.00
C SER A 369 5.48 12.75 -4.04
N GLU A 370 4.99 13.94 -3.69
CA GLU A 370 4.26 14.74 -4.65
C GLU A 370 5.10 15.04 -5.89
N ALA A 371 6.40 15.32 -5.73
CA ALA A 371 7.23 15.45 -6.90
C ALA A 371 7.34 14.20 -7.69
N ILE A 372 7.52 13.07 -7.00
CA ILE A 372 7.56 11.79 -7.70
C ILE A 372 6.29 11.55 -8.51
N TRP A 373 5.12 11.64 -7.87
CA TRP A 373 3.92 11.26 -8.60
C TRP A 373 3.62 12.24 -9.72
N THR A 374 3.93 13.51 -9.51
CA THR A 374 3.68 14.47 -10.61
C THR A 374 4.56 14.26 -11.82
N GLU A 375 5.85 14.00 -11.58
CA GLU A 375 6.74 13.72 -12.72
C GLU A 375 6.44 12.41 -13.40
N VAL A 376 6.19 11.34 -12.59
CA VAL A 376 5.74 10.10 -13.17
C VAL A 376 4.45 10.26 -13.99
N HIS A 377 3.48 10.97 -13.43
CA HIS A 377 2.24 11.14 -14.15
C HIS A 377 2.45 11.80 -15.52
N SER A 378 3.37 12.76 -15.60
CA SER A 378 3.68 13.40 -16.86
C SER A 378 4.24 12.46 -17.89
N VAL A 379 4.92 11.38 -17.48
CA VAL A 379 5.30 10.35 -18.44
C VAL A 379 4.10 9.53 -18.86
N LEU A 380 3.28 9.09 -17.89
CA LEU A 380 2.12 8.25 -18.21
C LEU A 380 1.19 8.92 -19.25
N THR A 381 1.08 10.24 -19.16
CA THR A 381 0.18 10.92 -20.12
C THR A 381 0.83 11.26 -21.47
N GLY A 382 2.11 11.04 -21.60
CA GLY A 382 2.83 11.34 -22.87
C GLY A 382 3.23 12.81 -22.95
N ARG A 383 3.26 13.50 -21.85
CA ARG A 383 3.75 14.88 -21.87
C ARG A 383 5.26 14.98 -21.81
N LYS A 384 5.90 14.10 -21.03
CA LYS A 384 7.35 14.00 -20.96
C LYS A 384 7.83 12.64 -21.18
N LYS A 385 9.02 12.50 -21.76
CA LYS A 385 9.67 11.22 -21.81
C LYS A 385 10.30 10.90 -20.42
N GLY A 386 10.55 9.63 -20.21
CA GLY A 386 11.12 9.22 -18.94
C GLY A 386 12.48 9.89 -18.71
N GLU A 387 13.29 10.08 -19.75
CA GLU A 387 14.61 10.74 -19.60
C GLU A 387 14.49 12.12 -19.03
N GLN A 388 13.58 12.92 -19.59
CA GLN A 388 13.39 14.22 -19.05
C GLN A 388 12.77 14.25 -17.66
N ALA A 389 11.80 13.35 -17.42
CA ALA A 389 11.13 13.29 -16.17
C ALA A 389 12.07 12.96 -15.00
N VAL A 390 12.97 12.03 -15.22
CA VAL A 390 13.92 11.69 -14.12
C VAL A 390 14.94 12.76 -13.86
N ARG A 391 15.31 13.51 -14.91
CA ARG A 391 16.17 14.67 -14.74
C ARG A 391 15.43 15.74 -13.97
N ASP A 392 14.18 16.05 -14.38
CA ASP A 392 13.41 17.03 -13.67
C ASP A 392 13.12 16.62 -12.22
N LEU A 393 12.82 15.33 -12.01
CA LEU A 393 12.57 14.82 -10.68
C LEU A 393 13.78 14.92 -9.74
N GLU A 394 14.90 14.59 -10.29
CA GLU A 394 16.16 14.79 -9.57
C GLU A 394 16.28 16.20 -9.10
N ALA A 395 16.09 17.15 -10.04
CA ALA A 395 16.21 18.54 -9.65
C ALA A 395 15.23 19.00 -8.57
N ARG A 396 13.97 18.51 -8.68
CA ARG A 396 12.99 18.87 -7.69
C ARG A 396 13.31 18.30 -6.30
N ILE A 397 13.64 17.01 -6.30
CA ILE A 397 13.97 16.40 -5.03
C ILE A 397 15.21 17.04 -4.37
N ARG A 398 16.18 17.40 -5.16
CA ARG A 398 17.34 18.11 -4.62
CA ARG A 398 17.36 18.12 -4.63
C ARG A 398 16.94 19.39 -3.92
N ARG A 399 16.01 20.15 -4.54
CA ARG A 399 15.51 21.37 -3.91
C ARG A 399 14.78 21.08 -2.62
N ILE A 400 13.91 20.06 -2.70
CA ILE A 400 13.12 19.70 -1.52
C ILE A 400 13.93 19.28 -0.34
N LEU A 401 15.00 18.51 -0.60
CA LEU A 401 15.77 17.90 0.46
C LEU A 401 17.06 18.67 0.79
N ARG A 402 17.26 19.78 0.13
CA ARG A 402 18.45 20.63 0.40
C ARG A 402 18.30 21.08 1.86
N HIS A 403 19.34 20.87 2.59
CA HIS A 403 19.43 21.24 4.01
C HIS A 403 18.72 20.23 4.93
N HIS A 404 18.18 19.14 4.35
CA HIS A 404 17.62 18.09 5.18
C HIS A 404 18.66 17.05 5.50
N HIS A 405 18.95 16.83 6.78
CA HIS A 405 19.93 15.74 7.08
C HIS A 405 19.31 14.55 7.83
N HIS A 406 19.83 13.36 7.51
CA HIS A 406 19.55 12.08 8.17
C HIS A 406 18.13 11.66 7.87
#